data_6CI8
#
_entry.id   6CI8
#
_cell.length_a   104.240
_cell.length_b   104.240
_cell.length_c   80.860
_cell.angle_alpha   90.000
_cell.angle_beta   90.000
_cell.angle_gamma   120.000
#
_symmetry.space_group_name_H-M   'P 31 2 1'
#
loop_
_entity.id
_entity.type
_entity.pdbx_description
1 polymer '3-oxoacyl-[acyl-carrier-protein] reductase'
2 non-polymer 'CHLORIDE ION'
3 water water
#
_entity_poly.entity_id   1
_entity_poly.type   'polypeptide(L)'
_entity_poly.pdbx_seq_one_letter_code
;GSHMFTSLEGRSAIVTGGSKGIGRGIAETFANAGVDVVITGRNQDDLDRTVADLSGTRGKVTAVRADVTDPEDARRTVAE
TVSRHGGLDIVCANAGIFPSGRLEDLTPDDIEQVLGVNFKGTVYIVQAALQALTASGHGRVVVTSSITGPITGYPGWSHY
GASKAAQLGFLRTAAMELAPKKITINAVLPGNIMTEGLDEMGQDYLDQMASAIPAGRLGSVADIGNAALFFATDEAAYVT
GQTLVVDGGQVLPESHLAIAEL
;
_entity_poly.pdbx_strand_id   A,B
#
loop_
_chem_comp.id
_chem_comp.type
_chem_comp.name
_chem_comp.formula
CL non-polymer 'CHLORIDE ION' 'Cl -1'
#
# COMPACT_ATOMS: atom_id res chain seq x y z
N GLY A 1 -16.34 -40.18 -11.74
CA GLY A 1 -15.47 -39.93 -12.88
C GLY A 1 -14.22 -39.19 -12.47
N SER A 2 -13.60 -38.48 -13.42
CA SER A 2 -12.49 -37.58 -13.09
C SER A 2 -13.00 -36.33 -12.41
N HIS A 3 -12.29 -35.90 -11.38
CA HIS A 3 -12.65 -34.72 -10.62
C HIS A 3 -11.41 -33.86 -10.46
N MET A 4 -11.46 -32.64 -10.99
CA MET A 4 -10.43 -31.71 -10.57
C MET A 4 -11.07 -30.83 -9.50
N PHE A 5 -11.46 -29.65 -9.83
CA PHE A 5 -12.08 -28.80 -8.83
C PHE A 5 -13.61 -28.94 -8.92
N THR A 6 -14.30 -28.49 -7.90
CA THR A 6 -15.75 -28.50 -7.91
C THR A 6 -16.26 -27.43 -8.88
N SER A 7 -17.17 -27.82 -9.79
CA SER A 7 -17.69 -26.86 -10.77
C SER A 7 -18.32 -25.63 -10.11
N LEU A 8 -17.97 -24.44 -10.61
CA LEU A 8 -18.57 -23.17 -10.18
C LEU A 8 -19.82 -22.78 -10.98
N GLU A 9 -20.31 -23.67 -11.86
CA GLU A 9 -21.45 -23.34 -12.71
CA GLU A 9 -21.47 -23.33 -12.71
C GLU A 9 -22.64 -22.86 -11.86
N GLY A 10 -23.25 -21.75 -12.28
CA GLY A 10 -24.42 -21.18 -11.66
C GLY A 10 -24.10 -20.22 -10.52
N ARG A 11 -22.84 -20.11 -10.10
CA ARG A 11 -22.53 -19.08 -9.11
C ARG A 11 -22.54 -17.70 -9.76
N SER A 12 -22.45 -16.69 -8.90
CA SER A 12 -22.65 -15.28 -9.27
C SER A 12 -21.43 -14.46 -8.93
N ALA A 13 -20.90 -13.72 -9.93
CA ALA A 13 -19.71 -12.90 -9.74
C ALA A 13 -19.91 -11.46 -10.22
N ILE A 14 -19.11 -10.56 -9.63
CA ILE A 14 -18.92 -9.19 -10.12
C ILE A 14 -17.45 -9.07 -10.49
N VAL A 15 -17.17 -8.46 -11.66
CA VAL A 15 -15.79 -8.06 -12.00
C VAL A 15 -15.81 -6.55 -12.20
N THR A 16 -15.20 -5.80 -11.25
CA THR A 16 -15.20 -4.36 -11.48
C THR A 16 -14.21 -3.99 -12.57
N GLY A 17 -14.54 -2.94 -13.33
CA GLY A 17 -13.63 -2.61 -14.41
C GLY A 17 -13.45 -3.70 -15.43
N GLY A 18 -14.55 -4.36 -15.83
CA GLY A 18 -14.47 -5.59 -16.58
C GLY A 18 -14.62 -5.49 -18.09
N SER A 19 -14.71 -4.27 -18.63
CA SER A 19 -15.00 -4.15 -20.05
C SER A 19 -13.76 -4.36 -20.91
N LYS A 20 -12.55 -4.16 -20.34
CA LYS A 20 -11.35 -4.33 -21.15
C LYS A 20 -10.21 -4.91 -20.32
N GLY A 21 -9.10 -5.21 -21.01
CA GLY A 21 -7.86 -5.66 -20.35
C GLY A 21 -8.03 -6.88 -19.47
N ILE A 22 -7.32 -6.85 -18.34
CA ILE A 22 -7.32 -8.00 -17.44
C ILE A 22 -8.74 -8.31 -16.96
N GLY A 23 -9.53 -7.27 -16.68
CA GLY A 23 -10.85 -7.50 -16.13
C GLY A 23 -11.76 -8.24 -17.11
N ARG A 24 -11.66 -7.91 -18.39
CA ARG A 24 -12.40 -8.65 -19.42
C ARG A 24 -11.97 -10.13 -19.42
N GLY A 25 -10.67 -10.38 -19.30
CA GLY A 25 -10.18 -11.76 -19.26
C GLY A 25 -10.69 -12.51 -18.05
N ILE A 26 -10.72 -11.84 -16.89
CA ILE A 26 -11.27 -12.48 -15.70
C ILE A 26 -12.73 -12.84 -15.96
N ALA A 27 -13.51 -11.85 -16.43
CA ALA A 27 -14.93 -12.08 -16.72
C ALA A 27 -15.12 -13.25 -17.69
N GLU A 28 -14.37 -13.27 -18.79
CA GLU A 28 -14.57 -14.36 -19.77
C GLU A 28 -14.17 -15.72 -19.18
N THR A 29 -13.14 -15.75 -18.33
CA THR A 29 -12.73 -17.03 -17.75
C THR A 29 -13.82 -17.56 -16.81
N PHE A 30 -14.41 -16.67 -15.99
CA PHE A 30 -15.49 -17.11 -15.10
C PHE A 30 -16.72 -17.52 -15.89
N ALA A 31 -17.04 -16.76 -16.95
CA ALA A 31 -18.23 -17.09 -17.75
C ALA A 31 -18.06 -18.43 -18.46
N ASN A 32 -16.83 -18.74 -18.91
CA ASN A 32 -16.58 -20.04 -19.54
C ASN A 32 -16.73 -21.19 -18.54
N ALA A 33 -16.58 -20.92 -17.26
CA ALA A 33 -16.79 -21.91 -16.21
C ALA A 33 -18.25 -21.98 -15.76
N GLY A 34 -19.15 -21.27 -16.43
CA GLY A 34 -20.55 -21.30 -16.07
C GLY A 34 -21.00 -20.33 -15.01
N VAL A 35 -20.13 -19.40 -14.59
CA VAL A 35 -20.46 -18.40 -13.57
C VAL A 35 -21.11 -17.22 -14.29
N ASP A 36 -22.27 -16.74 -13.80
CA ASP A 36 -22.84 -15.49 -14.32
C ASP A 36 -22.03 -14.32 -13.79
N VAL A 37 -21.72 -13.34 -14.66
CA VAL A 37 -20.79 -12.25 -14.33
C VAL A 37 -21.46 -10.92 -14.68
N VAL A 38 -21.48 -10.01 -13.72
CA VAL A 38 -21.70 -8.59 -13.99
C VAL A 38 -20.34 -7.89 -14.06
N ILE A 39 -20.02 -7.24 -15.23
CA ILE A 39 -18.86 -6.37 -15.34
C ILE A 39 -19.31 -4.95 -15.11
N THR A 40 -18.46 -4.16 -14.50
CA THR A 40 -18.79 -2.75 -14.33
C THR A 40 -17.83 -1.88 -15.11
N GLY A 41 -18.25 -0.63 -15.32
CA GLY A 41 -17.38 0.37 -15.93
C GLY A 41 -18.15 1.67 -16.03
N ARG A 42 -17.41 2.74 -16.35
CA ARG A 42 -18.01 4.05 -16.55
C ARG A 42 -18.52 4.30 -17.96
N ASN A 43 -18.07 3.53 -18.94
CA ASN A 43 -18.34 3.81 -20.36
C ASN A 43 -19.33 2.78 -20.88
N GLN A 44 -20.58 3.20 -21.08
CA GLN A 44 -21.61 2.25 -21.49
C GLN A 44 -21.29 1.64 -22.85
N ASP A 45 -20.65 2.41 -23.75
CA ASP A 45 -20.35 1.90 -25.08
C ASP A 45 -19.40 0.71 -24.99
N ASP A 46 -18.36 0.87 -24.17
CA ASP A 46 -17.38 -0.20 -23.94
C ASP A 46 -18.05 -1.39 -23.24
N LEU A 47 -18.91 -1.13 -22.26
CA LEU A 47 -19.60 -2.25 -21.61
C LEU A 47 -20.45 -3.01 -22.62
N ASP A 48 -21.24 -2.30 -23.42
CA ASP A 48 -22.12 -2.97 -24.38
C ASP A 48 -21.32 -3.79 -25.37
N ARG A 49 -20.19 -3.24 -25.85
CA ARG A 49 -19.37 -3.98 -26.81
C ARG A 49 -18.87 -5.28 -26.21
N THR A 50 -18.39 -5.22 -24.95
CA THR A 50 -17.88 -6.44 -24.33
C THR A 50 -19.01 -7.43 -24.04
N VAL A 51 -20.18 -6.95 -23.61
CA VAL A 51 -21.30 -7.88 -23.42
C VAL A 51 -21.64 -8.60 -24.73
N ALA A 52 -21.66 -7.86 -25.85
CA ALA A 52 -21.90 -8.45 -27.16
C ALA A 52 -20.81 -9.46 -27.52
N ASP A 53 -19.55 -9.07 -27.33
CA ASP A 53 -18.45 -9.97 -27.70
C ASP A 53 -18.54 -11.31 -26.97
N LEU A 54 -19.00 -11.27 -25.71
CA LEU A 54 -19.02 -12.44 -24.84
C LEU A 54 -20.37 -13.15 -24.86
N SER A 55 -21.27 -12.80 -25.79
CA SER A 55 -22.63 -13.34 -25.72
C SER A 55 -22.68 -14.85 -25.85
N GLY A 56 -21.66 -15.49 -26.41
CA GLY A 56 -21.88 -16.94 -26.43
C GLY A 56 -21.44 -17.74 -25.21
N THR A 57 -20.95 -17.09 -24.13
CA THR A 57 -20.36 -17.85 -23.03
C THR A 57 -21.43 -18.66 -22.28
N ARG A 58 -20.95 -19.70 -21.59
CA ARG A 58 -21.86 -20.54 -20.82
C ARG A 58 -22.59 -19.73 -19.74
N GLY A 59 -21.82 -19.15 -18.82
CA GLY A 59 -22.40 -18.21 -17.88
C GLY A 59 -22.72 -16.90 -18.58
N LYS A 60 -23.65 -16.14 -18.03
CA LYS A 60 -24.12 -14.96 -18.73
C LYS A 60 -23.39 -13.71 -18.26
N VAL A 61 -22.74 -12.98 -19.20
CA VAL A 61 -22.02 -11.73 -18.90
C VAL A 61 -22.94 -10.57 -19.21
N THR A 62 -23.25 -9.74 -18.20
CA THR A 62 -24.04 -8.52 -18.40
C THR A 62 -23.30 -7.36 -17.73
N ALA A 63 -23.80 -6.13 -17.93
CA ALA A 63 -23.04 -4.97 -17.46
C ALA A 63 -23.88 -4.06 -16.57
N VAL A 64 -23.18 -3.39 -15.65
CA VAL A 64 -23.71 -2.29 -14.86
C VAL A 64 -22.76 -1.10 -15.01
N ARG A 65 -23.30 0.05 -15.39
CA ARG A 65 -22.48 1.26 -15.45
C ARG A 65 -22.35 1.83 -14.04
N ALA A 66 -21.11 1.97 -13.57
CA ALA A 66 -20.90 2.37 -12.19
C ALA A 66 -19.47 2.87 -12.07
N ASP A 67 -19.27 3.80 -11.14
CA ASP A 67 -17.97 4.38 -10.83
C ASP A 67 -17.52 3.71 -9.53
N VAL A 68 -16.43 2.91 -9.56
CA VAL A 68 -15.99 2.19 -8.36
C VAL A 68 -15.63 3.14 -7.24
N THR A 69 -15.31 4.40 -7.56
CA THR A 69 -14.94 5.29 -6.45
C THR A 69 -16.12 5.83 -5.68
N ASP A 70 -17.37 5.53 -6.11
CA ASP A 70 -18.57 5.96 -5.40
C ASP A 70 -19.24 4.82 -4.64
N PRO A 71 -19.22 4.79 -3.29
CA PRO A 71 -19.84 3.68 -2.55
C PRO A 71 -21.29 3.44 -2.90
N GLU A 72 -22.02 4.51 -3.29
CA GLU A 72 -23.41 4.31 -3.66
C GLU A 72 -23.51 3.49 -4.95
N ASP A 73 -22.58 3.70 -5.90
CA ASP A 73 -22.57 2.84 -7.09
C ASP A 73 -22.16 1.40 -6.74
N ALA A 74 -21.24 1.25 -5.79
CA ALA A 74 -20.82 -0.11 -5.38
C ALA A 74 -22.04 -0.85 -4.80
N ARG A 75 -22.82 -0.18 -3.95
CA ARG A 75 -24.04 -0.82 -3.43
C ARG A 75 -25.04 -1.11 -4.54
N ARG A 76 -25.27 -0.15 -5.45
CA ARG A 76 -26.17 -0.42 -6.59
C ARG A 76 -25.70 -1.63 -7.41
N THR A 77 -24.41 -1.73 -7.63
CA THR A 77 -23.86 -2.86 -8.41
C THR A 77 -24.18 -4.20 -7.74
N VAL A 78 -23.95 -4.27 -6.42
CA VAL A 78 -24.20 -5.53 -5.72
C VAL A 78 -25.69 -5.86 -5.80
N ALA A 79 -26.56 -4.85 -5.58
CA ALA A 79 -28.00 -5.11 -5.61
C ALA A 79 -28.44 -5.55 -6.98
N GLU A 80 -27.93 -4.91 -8.01
CA GLU A 80 -28.35 -5.28 -9.35
C GLU A 80 -27.86 -6.70 -9.69
N THR A 81 -26.65 -7.04 -9.25
CA THR A 81 -26.12 -8.38 -9.50
C THR A 81 -26.99 -9.42 -8.81
N VAL A 82 -27.34 -9.21 -7.54
CA VAL A 82 -28.19 -10.16 -6.84
C VAL A 82 -29.55 -10.27 -7.53
N SER A 83 -30.12 -9.15 -7.98
CA SER A 83 -31.40 -9.20 -8.70
C SER A 83 -31.29 -10.06 -9.99
N ARG A 84 -30.21 -9.90 -10.77
CA ARG A 84 -30.06 -10.63 -12.03
C ARG A 84 -29.75 -12.10 -11.80
N HIS A 85 -28.92 -12.41 -10.77
CA HIS A 85 -28.37 -13.77 -10.64
C HIS A 85 -29.03 -14.57 -9.52
N GLY A 86 -29.56 -13.90 -8.51
CA GLY A 86 -30.16 -14.55 -7.38
C GLY A 86 -29.32 -14.53 -6.14
N GLY A 87 -28.07 -14.09 -6.22
CA GLY A 87 -27.22 -14.00 -5.02
C GLY A 87 -25.88 -13.50 -5.49
N LEU A 88 -24.89 -13.60 -4.63
CA LEU A 88 -23.55 -13.09 -4.96
C LEU A 88 -22.54 -13.97 -4.27
N ASP A 89 -21.67 -14.60 -5.03
CA ASP A 89 -20.69 -15.51 -4.45
C ASP A 89 -19.27 -15.01 -4.56
N ILE A 90 -18.95 -14.22 -5.59
CA ILE A 90 -17.57 -13.94 -5.97
C ILE A 90 -17.50 -12.45 -6.29
N VAL A 91 -16.53 -11.75 -5.71
CA VAL A 91 -16.25 -10.38 -6.14
C VAL A 91 -14.81 -10.28 -6.61
N CYS A 92 -14.62 -9.92 -7.89
CA CYS A 92 -13.26 -9.65 -8.40
C CYS A 92 -13.09 -8.13 -8.40
N ALA A 93 -12.36 -7.65 -7.41
CA ALA A 93 -12.06 -6.21 -7.22
C ALA A 93 -10.87 -5.95 -8.11
N ASN A 94 -11.19 -5.61 -9.36
CA ASN A 94 -10.19 -5.58 -10.42
C ASN A 94 -9.90 -4.17 -10.91
N ALA A 95 -10.87 -3.26 -10.84
CA ALA A 95 -10.74 -2.03 -11.59
C ALA A 95 -9.40 -1.36 -11.26
N GLY A 96 -8.73 -0.91 -12.32
CA GLY A 96 -7.42 -0.29 -12.07
C GLY A 96 -7.08 0.66 -13.21
N ILE A 97 -6.50 1.81 -12.88
CA ILE A 97 -5.98 2.72 -13.90
C ILE A 97 -4.49 2.88 -13.64
N PHE A 98 -3.74 3.25 -14.70
CA PHE A 98 -2.31 3.35 -14.52
C PHE A 98 -1.69 4.51 -15.30
N PRO A 99 -2.20 5.74 -15.12
CA PRO A 99 -1.53 6.91 -15.68
C PRO A 99 -0.13 7.02 -15.07
N SER A 100 0.76 7.70 -15.80
CA SER A 100 2.13 7.88 -15.36
C SER A 100 2.41 9.33 -15.01
N GLY A 101 3.28 9.53 -14.01
CA GLY A 101 3.71 10.88 -13.71
C GLY A 101 4.88 10.84 -12.76
N ARG A 102 5.95 11.60 -13.07
CA ARG A 102 7.08 11.59 -12.16
C ARG A 102 6.71 12.27 -10.84
N LEU A 103 7.43 11.90 -9.78
CA LEU A 103 7.08 12.36 -8.44
C LEU A 103 6.92 13.87 -8.36
N GLU A 104 7.83 14.63 -8.99
CA GLU A 104 7.70 16.09 -8.89
C GLU A 104 6.49 16.64 -9.66
N ASP A 105 5.88 15.85 -10.55
CA ASP A 105 4.76 16.35 -11.34
C ASP A 105 3.38 15.93 -10.79
N LEU A 106 3.31 14.96 -9.88
CA LEU A 106 2.02 14.42 -9.46
C LEU A 106 1.28 15.47 -8.62
N THR A 107 0.03 15.72 -8.95
CA THR A 107 -0.81 16.65 -8.19
C THR A 107 -1.61 15.87 -7.16
N PRO A 108 -2.25 16.57 -6.23
CA PRO A 108 -3.21 15.84 -5.35
C PRO A 108 -4.28 15.10 -6.13
N ASP A 109 -4.83 15.71 -7.19
CA ASP A 109 -5.86 15.03 -7.97
CA ASP A 109 -5.86 15.04 -7.96
C ASP A 109 -5.31 13.79 -8.67
N ASP A 110 -4.07 13.85 -9.17
CA ASP A 110 -3.47 12.66 -9.81
C ASP A 110 -3.41 11.53 -8.82
N ILE A 111 -2.91 11.84 -7.61
CA ILE A 111 -2.74 10.83 -6.57
C ILE A 111 -4.10 10.27 -6.13
N GLU A 112 -5.10 11.14 -5.92
CA GLU A 112 -6.41 10.66 -5.50
C GLU A 112 -7.13 9.89 -6.61
N GLN A 113 -6.94 10.27 -7.89
CA GLN A 113 -7.60 9.50 -8.94
C GLN A 113 -7.10 8.07 -8.94
N VAL A 114 -5.80 7.86 -8.85
CA VAL A 114 -5.23 6.51 -8.85
C VAL A 114 -5.53 5.76 -7.54
N LEU A 115 -5.34 6.41 -6.40
CA LEU A 115 -5.66 5.70 -5.15
CA LEU A 115 -5.68 5.78 -5.12
C LEU A 115 -7.17 5.45 -5.05
N GLY A 116 -8.00 6.34 -5.62
CA GLY A 116 -9.44 6.17 -5.52
C GLY A 116 -9.95 5.02 -6.36
N VAL A 117 -9.53 4.92 -7.64
CA VAL A 117 -9.98 3.76 -8.41
C VAL A 117 -9.36 2.48 -7.85
N ASN A 118 -8.03 2.50 -7.69
CA ASN A 118 -7.28 1.25 -7.52
C ASN A 118 -7.42 0.68 -6.12
N PHE A 119 -7.44 1.55 -5.12
CA PHE A 119 -7.53 1.13 -3.73
C PHE A 119 -8.92 1.36 -3.17
N LYS A 120 -9.41 2.61 -3.17
CA LYS A 120 -10.73 2.85 -2.57
C LYS A 120 -11.80 2.03 -3.28
N GLY A 121 -11.68 1.85 -4.62
CA GLY A 121 -12.70 1.09 -5.34
C GLY A 121 -12.70 -0.37 -4.98
N THR A 122 -11.53 -0.89 -4.57
CA THR A 122 -11.45 -2.23 -4.05
C THR A 122 -12.17 -2.32 -2.70
N VAL A 123 -11.89 -1.39 -1.78
CA VAL A 123 -12.53 -1.39 -0.46
C VAL A 123 -14.05 -1.28 -0.62
N TYR A 124 -14.51 -0.34 -1.45
CA TYR A 124 -15.94 -0.04 -1.49
C TYR A 124 -16.74 -1.20 -2.04
N ILE A 125 -16.21 -1.92 -3.03
CA ILE A 125 -17.04 -3.02 -3.57
C ILE A 125 -17.05 -4.18 -2.57
N VAL A 126 -15.94 -4.39 -1.84
CA VAL A 126 -15.95 -5.43 -0.81
C VAL A 126 -16.95 -5.07 0.30
N GLN A 127 -16.93 -3.81 0.76
CA GLN A 127 -17.89 -3.37 1.79
C GLN A 127 -19.33 -3.58 1.36
N ALA A 128 -19.66 -3.18 0.14
CA ALA A 128 -21.04 -3.31 -0.32
C ALA A 128 -21.46 -4.78 -0.42
N ALA A 129 -20.53 -5.64 -0.78
CA ALA A 129 -20.85 -7.04 -1.01
C ALA A 129 -20.86 -7.90 0.27
N LEU A 130 -20.39 -7.39 1.42
CA LEU A 130 -20.18 -8.29 2.58
C LEU A 130 -21.45 -9.07 2.95
N GLN A 131 -22.60 -8.39 3.10
CA GLN A 131 -23.75 -9.15 3.62
C GLN A 131 -24.13 -10.30 2.68
N ALA A 132 -24.15 -10.04 1.38
CA ALA A 132 -24.48 -11.11 0.42
C ALA A 132 -23.41 -12.18 0.37
N LEU A 133 -22.13 -11.78 0.43
CA LEU A 133 -21.09 -12.81 0.40
C LEU A 133 -21.16 -13.67 1.65
N THR A 134 -21.46 -13.06 2.81
CA THR A 134 -21.62 -13.87 4.02
C THR A 134 -22.75 -14.87 3.84
N ALA A 135 -23.88 -14.40 3.30
CA ALA A 135 -25.05 -15.26 3.13
C ALA A 135 -24.74 -16.43 2.22
N SER A 136 -23.81 -16.27 1.27
CA SER A 136 -23.48 -17.38 0.34
C SER A 136 -22.84 -18.57 1.04
N GLY A 137 -22.18 -18.34 2.19
CA GLY A 137 -21.49 -19.40 2.92
C GLY A 137 -20.19 -19.83 2.29
N HIS A 138 -19.82 -19.23 1.16
CA HIS A 138 -18.54 -19.58 0.57
C HIS A 138 -17.98 -18.39 -0.16
N GLY A 139 -18.06 -17.22 0.44
CA GLY A 139 -17.73 -16.00 -0.29
C GLY A 139 -16.28 -15.95 -0.72
N ARG A 140 -16.05 -15.32 -1.88
CA ARG A 140 -14.70 -15.17 -2.41
C ARG A 140 -14.48 -13.74 -2.89
N VAL A 141 -13.37 -13.11 -2.49
CA VAL A 141 -12.95 -11.82 -3.02
C VAL A 141 -11.57 -12.04 -3.63
N VAL A 142 -11.41 -11.68 -4.92
CA VAL A 142 -10.11 -11.73 -5.58
C VAL A 142 -9.77 -10.32 -5.97
N VAL A 143 -8.58 -9.85 -5.58
CA VAL A 143 -8.14 -8.50 -5.85
C VAL A 143 -7.10 -8.56 -6.96
N THR A 144 -7.24 -7.71 -7.97
CA THR A 144 -6.18 -7.60 -9.00
C THR A 144 -5.22 -6.54 -8.51
N SER A 145 -4.05 -6.94 -8.04
CA SER A 145 -3.02 -6.01 -7.59
C SER A 145 -2.00 -5.87 -8.72
N SER A 146 -0.69 -5.96 -8.45
CA SER A 146 0.36 -5.79 -9.47
C SER A 146 1.67 -6.18 -8.83
N ILE A 147 2.66 -6.62 -9.63
CA ILE A 147 4.03 -6.66 -9.08
C ILE A 147 4.54 -5.27 -8.74
N THR A 148 4.04 -4.23 -9.46
CA THR A 148 4.51 -2.85 -9.28
C THR A 148 3.89 -2.28 -8.02
N GLY A 149 4.74 -2.00 -7.02
CA GLY A 149 4.32 -1.53 -5.72
C GLY A 149 4.66 -2.52 -4.63
N PRO A 150 4.01 -3.68 -4.62
CA PRO A 150 4.36 -4.72 -3.64
C PRO A 150 5.78 -5.20 -3.78
N ILE A 151 6.29 -5.29 -5.01
CA ILE A 151 7.59 -5.85 -5.28
C ILE A 151 8.51 -4.88 -6.02
N THR A 152 8.06 -4.33 -7.15
CA THR A 152 8.96 -3.55 -7.97
C THR A 152 8.66 -2.04 -7.91
N GLY A 153 9.62 -1.28 -8.38
CA GLY A 153 9.39 0.14 -8.71
C GLY A 153 9.48 0.40 -10.21
N TYR A 154 8.79 1.44 -10.65
CA TYR A 154 8.84 1.79 -12.09
C TYR A 154 8.64 3.29 -12.19
N PRO A 155 9.67 4.03 -12.63
CA PRO A 155 9.55 5.49 -12.71
C PRO A 155 8.24 5.94 -13.37
N GLY A 156 7.59 6.90 -12.71
CA GLY A 156 6.30 7.41 -13.13
C GLY A 156 5.11 6.75 -12.47
N TRP A 157 5.33 5.67 -11.72
CA TRP A 157 4.24 4.87 -11.16
C TRP A 157 4.31 4.79 -9.64
N SER A 158 4.85 5.82 -9.00
CA SER A 158 4.92 5.70 -7.54
C SER A 158 3.55 5.76 -6.89
N HIS A 159 2.59 6.52 -7.45
CA HIS A 159 1.24 6.46 -6.92
C HIS A 159 0.54 5.16 -7.30
N TYR A 160 0.78 4.67 -8.55
CA TYR A 160 0.23 3.38 -8.96
C TYR A 160 0.72 2.26 -8.03
N GLY A 161 2.02 2.18 -7.83
CA GLY A 161 2.56 1.17 -6.95
C GLY A 161 2.05 1.32 -5.53
N ALA A 162 1.98 2.57 -5.06
CA ALA A 162 1.38 2.77 -3.72
C ALA A 162 -0.03 2.15 -3.65
N SER A 163 -0.84 2.39 -4.68
CA SER A 163 -2.24 1.93 -4.64
C SER A 163 -2.30 0.41 -4.68
N LYS A 164 -1.40 -0.24 -5.40
CA LYS A 164 -1.42 -1.69 -5.53
C LYS A 164 -0.91 -2.36 -4.24
N ALA A 165 0.08 -1.72 -3.56
CA ALA A 165 0.47 -2.22 -2.25
C ALA A 165 -0.61 -1.93 -1.20
N ALA A 166 -1.33 -0.79 -1.31
CA ALA A 166 -2.41 -0.50 -0.37
C ALA A 166 -3.45 -1.60 -0.38
N GLN A 167 -3.78 -2.11 -1.58
CA GLN A 167 -4.74 -3.21 -1.64
C GLN A 167 -4.32 -4.39 -0.79
N LEU A 168 -3.00 -4.69 -0.78
CA LEU A 168 -2.53 -5.84 -0.03
C LEU A 168 -2.52 -5.59 1.48
N GLY A 169 -2.08 -4.39 1.89
CA GLY A 169 -2.15 -4.03 3.31
C GLY A 169 -3.59 -4.13 3.83
N PHE A 170 -4.54 -3.67 2.98
CA PHE A 170 -5.95 -3.77 3.32
C PHE A 170 -6.36 -5.25 3.49
N LEU A 171 -6.04 -6.07 2.50
CA LEU A 171 -6.56 -7.45 2.55
C LEU A 171 -5.90 -8.30 3.64
N ARG A 172 -4.66 -7.99 4.07
CA ARG A 172 -4.09 -8.77 5.16
C ARG A 172 -4.87 -8.60 6.46
N THR A 173 -5.48 -7.42 6.68
CA THR A 173 -6.42 -7.30 7.80
C THR A 173 -7.82 -7.80 7.42
N ALA A 174 -8.29 -7.45 6.23
CA ALA A 174 -9.63 -7.86 5.82
C ALA A 174 -9.80 -9.38 5.92
N ALA A 175 -8.77 -10.15 5.55
CA ALA A 175 -8.88 -11.60 5.62
C ALA A 175 -9.20 -12.05 7.03
N MET A 176 -8.64 -11.37 8.04
CA MET A 176 -8.98 -11.75 9.43
C MET A 176 -10.41 -11.40 9.79
N GLU A 177 -10.87 -10.20 9.42
CA GLU A 177 -12.25 -9.82 9.72
C GLU A 177 -13.26 -10.66 8.96
N LEU A 178 -12.89 -11.15 7.77
CA LEU A 178 -13.81 -11.89 6.92
C LEU A 178 -13.80 -13.39 7.19
N ALA A 179 -12.80 -13.90 7.94
CA ALA A 179 -12.75 -15.34 8.19
C ALA A 179 -13.96 -15.86 8.95
N PRO A 180 -14.50 -15.17 9.96
CA PRO A 180 -15.71 -15.68 10.64
C PRO A 180 -16.92 -15.68 9.74
N LYS A 181 -16.88 -14.92 8.65
CA LYS A 181 -17.95 -14.88 7.65
C LYS A 181 -17.78 -15.95 6.57
N LYS A 182 -16.70 -16.75 6.66
CA LYS A 182 -16.34 -17.76 5.68
C LYS A 182 -16.10 -17.16 4.28
N ILE A 183 -15.62 -15.92 4.25
CA ILE A 183 -15.20 -15.26 3.01
C ILE A 183 -13.69 -15.26 3.00
N THR A 184 -13.08 -15.75 1.91
CA THR A 184 -11.64 -15.54 1.75
C THR A 184 -11.36 -14.33 0.86
N ILE A 185 -10.16 -13.75 1.02
CA ILE A 185 -9.82 -12.60 0.16
C ILE A 185 -8.33 -12.71 -0.15
N ASN A 186 -7.99 -12.76 -1.44
CA ASN A 186 -6.62 -13.00 -1.88
C ASN A 186 -6.39 -12.05 -3.06
N ALA A 187 -5.12 -11.92 -3.46
CA ALA A 187 -4.82 -11.09 -4.63
C ALA A 187 -4.00 -11.83 -5.66
N VAL A 188 -4.28 -11.56 -6.95
CA VAL A 188 -3.36 -11.93 -8.03
C VAL A 188 -2.50 -10.71 -8.29
N LEU A 189 -1.19 -10.93 -8.44
CA LEU A 189 -0.23 -9.86 -8.76
C LEU A 189 0.24 -10.12 -10.19
N PRO A 190 -0.42 -9.54 -11.19
CA PRO A 190 0.05 -9.71 -12.58
C PRO A 190 1.39 -9.04 -12.79
N GLY A 191 2.18 -9.67 -13.64
CA GLY A 191 3.36 -9.02 -14.21
C GLY A 191 2.96 -8.21 -15.44
N ASN A 192 3.66 -8.41 -16.54
CA ASN A 192 3.36 -7.73 -17.80
C ASN A 192 2.44 -8.61 -18.65
N ILE A 193 1.22 -8.15 -18.86
CA ILE A 193 0.19 -8.93 -19.51
C ILE A 193 -0.17 -8.22 -20.80
N MET A 194 -0.29 -9.00 -21.90
CA MET A 194 -0.64 -8.39 -23.18
C MET A 194 -2.13 -8.00 -23.15
N THR A 195 -2.43 -6.75 -23.47
CA THR A 195 -3.81 -6.31 -23.52
C THR A 195 -4.00 -5.54 -24.82
N GLU A 196 -5.25 -5.19 -25.11
CA GLU A 196 -5.54 -4.27 -26.23
C GLU A 196 -4.62 -3.04 -26.19
N GLY A 197 -4.39 -2.49 -24.99
CA GLY A 197 -3.61 -1.26 -24.88
C GLY A 197 -2.16 -1.41 -25.32
N LEU A 198 -1.51 -2.51 -24.90
CA LEU A 198 -0.12 -2.74 -25.30
C LEU A 198 0.05 -3.02 -26.79
N ASP A 199 -1.04 -3.40 -27.49
CA ASP A 199 -0.98 -3.58 -28.93
C ASP A 199 -0.64 -2.28 -29.65
N GLU A 200 -0.83 -1.14 -28.97
CA GLU A 200 -0.53 0.17 -29.53
C GLU A 200 0.93 0.55 -29.41
N MET A 201 1.82 -0.43 -29.30
CA MET A 201 3.25 -0.20 -29.46
C MET A 201 3.80 -1.29 -30.38
N GLY A 202 5.04 -1.10 -30.83
CA GLY A 202 5.56 -1.95 -31.88
C GLY A 202 6.05 -3.29 -31.39
N GLN A 203 6.24 -4.21 -32.34
CA GLN A 203 6.73 -5.53 -31.99
C GLN A 203 8.11 -5.46 -31.37
N ASP A 204 8.91 -4.50 -31.81
CA ASP A 204 10.24 -4.24 -31.28
C ASP A 204 10.22 -4.11 -29.76
N TYR A 205 9.36 -3.23 -29.26
CA TYR A 205 9.36 -2.96 -27.83
C TYR A 205 8.75 -4.13 -27.08
N LEU A 206 7.70 -4.74 -27.65
CA LEU A 206 7.09 -5.91 -27.00
C LEU A 206 8.09 -7.06 -26.95
N ASP A 207 8.89 -7.22 -28.00
CA ASP A 207 9.93 -8.24 -27.93
C ASP A 207 10.95 -7.92 -26.84
N GLN A 208 11.28 -6.65 -26.62
CA GLN A 208 12.22 -6.34 -25.55
C GLN A 208 11.62 -6.70 -24.21
N MET A 209 10.34 -6.40 -24.03
CA MET A 209 9.67 -6.80 -22.79
C MET A 209 9.70 -8.33 -22.61
N ALA A 210 9.36 -9.09 -23.65
CA ALA A 210 9.37 -10.55 -23.49
C ALA A 210 10.77 -11.07 -23.17
N SER A 211 11.81 -10.52 -23.83
CA SER A 211 13.15 -11.05 -23.65
C SER A 211 13.69 -10.84 -22.24
N ALA A 212 13.08 -9.94 -21.46
CA ALA A 212 13.44 -9.70 -20.06
C ALA A 212 12.71 -10.61 -19.07
N ILE A 213 11.88 -11.53 -19.57
CA ILE A 213 11.03 -12.38 -18.75
C ILE A 213 11.50 -13.83 -18.97
N PRO A 214 11.71 -14.61 -17.91
CA PRO A 214 12.18 -16.01 -18.13
C PRO A 214 11.27 -16.82 -19.06
N ALA A 215 9.94 -16.71 -18.90
CA ALA A 215 9.01 -17.42 -19.79
C ALA A 215 9.14 -16.97 -21.25
N GLY A 216 9.76 -15.82 -21.52
CA GLY A 216 10.01 -15.44 -22.91
C GLY A 216 8.80 -14.92 -23.64
N ARG A 217 7.77 -14.47 -22.91
CA ARG A 217 6.58 -13.88 -23.52
C ARG A 217 5.89 -13.01 -22.48
N LEU A 218 5.06 -12.08 -22.96
CA LEU A 218 4.12 -11.42 -22.07
CA LEU A 218 4.11 -11.42 -22.08
C LEU A 218 2.99 -12.40 -21.72
N GLY A 219 2.38 -12.17 -20.59
CA GLY A 219 1.29 -13.04 -20.15
C GLY A 219 0.00 -12.73 -20.90
N SER A 220 -1.01 -13.56 -20.69
CA SER A 220 -2.32 -13.32 -21.29
C SER A 220 -3.35 -12.94 -20.21
N VAL A 221 -4.45 -12.32 -20.63
CA VAL A 221 -5.47 -11.97 -19.61
C VAL A 221 -6.08 -13.26 -19.05
N ALA A 222 -6.07 -14.33 -19.85
CA ALA A 222 -6.50 -15.62 -19.30
C ALA A 222 -5.59 -16.11 -18.17
N ASP A 223 -4.26 -15.81 -18.24
CA ASP A 223 -3.40 -16.19 -17.10
C ASP A 223 -3.92 -15.58 -15.79
N ILE A 224 -4.38 -14.31 -15.83
CA ILE A 224 -4.91 -13.73 -14.60
C ILE A 224 -6.28 -14.31 -14.28
N GLY A 225 -7.14 -14.49 -15.28
CA GLY A 225 -8.47 -15.05 -15.03
C GLY A 225 -8.41 -16.41 -14.40
N ASN A 226 -7.44 -17.22 -14.82
CA ASN A 226 -7.33 -18.58 -14.28
C ASN A 226 -6.83 -18.60 -12.85
N ALA A 227 -5.93 -17.69 -12.52
CA ALA A 227 -5.50 -17.59 -11.13
C ALA A 227 -6.67 -17.17 -10.24
N ALA A 228 -7.44 -16.18 -10.69
CA ALA A 228 -8.61 -15.75 -9.93
C ALA A 228 -9.61 -16.89 -9.80
N LEU A 229 -9.81 -17.64 -10.89
CA LEU A 229 -10.70 -18.82 -10.86
C LEU A 229 -10.26 -19.84 -9.78
N PHE A 230 -8.95 -20.12 -9.66
CA PHE A 230 -8.50 -21.01 -8.58
C PHE A 230 -8.89 -20.44 -7.20
N PHE A 231 -8.63 -19.17 -6.96
CA PHE A 231 -8.97 -18.66 -5.61
C PHE A 231 -10.46 -18.79 -5.35
N ALA A 232 -11.29 -18.70 -6.41
CA ALA A 232 -12.75 -18.75 -6.23
C ALA A 232 -13.27 -20.15 -5.92
N THR A 233 -12.45 -21.18 -6.09
CA THR A 233 -12.94 -22.55 -5.93
C THR A 233 -13.21 -22.86 -4.47
N ASP A 234 -14.14 -23.81 -4.26
CA ASP A 234 -14.28 -24.33 -2.89
C ASP A 234 -12.97 -24.92 -2.38
N GLU A 235 -12.18 -25.50 -3.30
CA GLU A 235 -10.93 -26.13 -2.91
C GLU A 235 -9.87 -25.15 -2.44
N ALA A 236 -10.10 -23.84 -2.56
CA ALA A 236 -9.19 -22.84 -2.05
C ALA A 236 -9.70 -22.22 -0.76
N ALA A 237 -10.63 -22.88 -0.06
CA ALA A 237 -11.22 -22.28 1.13
C ALA A 237 -10.23 -22.01 2.26
N TYR A 238 -9.05 -22.69 2.26
CA TYR A 238 -8.07 -22.47 3.32
C TYR A 238 -6.97 -21.49 2.89
N VAL A 239 -7.17 -20.77 1.79
CA VAL A 239 -6.20 -19.80 1.31
C VAL A 239 -6.81 -18.45 1.57
N THR A 240 -6.20 -17.64 2.43
CA THR A 240 -6.77 -16.33 2.63
C THR A 240 -5.69 -15.34 3.05
N GLY A 241 -5.90 -14.05 2.68
CA GLY A 241 -4.94 -13.01 3.00
C GLY A 241 -3.64 -13.12 2.21
N GLN A 242 -3.67 -13.81 1.08
CA GLN A 242 -2.45 -14.15 0.40
C GLN A 242 -2.40 -13.64 -1.03
N THR A 243 -1.22 -13.83 -1.64
CA THR A 243 -0.87 -13.29 -2.94
C THR A 243 -0.37 -14.41 -3.83
N LEU A 244 -0.65 -14.25 -5.15
CA LEU A 244 -0.01 -15.15 -6.13
C LEU A 244 0.47 -14.26 -7.28
N VAL A 245 1.79 -14.25 -7.48
CA VAL A 245 2.42 -13.50 -8.58
C VAL A 245 2.31 -14.31 -9.85
N VAL A 246 1.75 -13.69 -10.93
CA VAL A 246 1.55 -14.37 -12.22
C VAL A 246 2.31 -13.53 -13.23
N ASP A 247 3.55 -13.91 -13.51
CA ASP A 247 4.46 -13.01 -14.23
C ASP A 247 5.52 -13.71 -15.04
N GLY A 248 5.43 -15.02 -15.28
CA GLY A 248 6.40 -15.73 -16.09
C GLY A 248 7.83 -15.61 -15.58
N GLY A 249 8.00 -15.31 -14.30
CA GLY A 249 9.31 -15.16 -13.72
C GLY A 249 9.90 -13.77 -13.77
N GLN A 250 9.11 -12.76 -14.17
CA GLN A 250 9.62 -11.39 -14.36
C GLN A 250 10.36 -10.83 -13.13
N VAL A 251 9.87 -11.13 -11.92
CA VAL A 251 10.49 -10.54 -10.74
C VAL A 251 11.75 -11.28 -10.31
N LEU A 252 12.12 -12.40 -10.97
CA LEU A 252 13.23 -13.21 -10.46
C LEU A 252 14.65 -12.69 -10.83
N PRO A 253 14.94 -12.29 -12.08
CA PRO A 253 16.33 -11.94 -12.43
C PRO A 253 16.82 -10.70 -11.69
N GLU A 254 18.07 -10.70 -11.24
CA GLU A 254 18.64 -9.50 -10.64
CA GLU A 254 18.53 -9.46 -10.62
C GLU A 254 18.73 -8.37 -11.66
N SER A 255 18.96 -8.74 -12.93
CA SER A 255 19.08 -7.77 -14.01
C SER A 255 19.03 -8.52 -15.33
N HIS A 256 19.09 -7.76 -16.43
CA HIS A 256 19.09 -8.40 -17.74
C HIS A 256 20.34 -9.27 -17.92
N LEU A 257 21.43 -8.95 -17.21
CA LEU A 257 22.64 -9.76 -17.32
C LEU A 257 22.42 -11.17 -16.82
N ALA A 258 21.57 -11.35 -15.80
CA ALA A 258 21.26 -12.69 -15.31
C ALA A 258 20.45 -13.47 -16.35
N ILE A 259 19.51 -12.81 -17.00
CA ILE A 259 18.79 -13.40 -18.12
C ILE A 259 19.75 -13.78 -19.23
N ALA A 260 20.68 -12.88 -19.55
CA ALA A 260 21.58 -13.09 -20.68
C ALA A 260 22.55 -14.23 -20.42
N GLU A 261 22.97 -14.43 -19.16
CA GLU A 261 23.94 -15.51 -18.87
C GLU A 261 23.33 -16.88 -19.04
N LEU A 262 22.04 -16.94 -19.35
CA LEU A 262 21.35 -18.21 -19.55
C LEU A 262 21.91 -18.99 -20.73
N MET B 4 32.27 6.16 15.09
CA MET B 4 31.79 4.99 14.39
C MET B 4 31.20 5.24 13.02
N PHE B 5 30.30 6.19 12.97
CA PHE B 5 29.82 6.65 11.68
C PHE B 5 30.15 8.13 11.56
N THR B 6 30.15 8.64 10.33
CA THR B 6 30.45 10.06 10.11
C THR B 6 29.47 10.96 10.85
N SER B 7 30.00 11.92 11.61
CA SER B 7 29.10 12.76 12.43
C SER B 7 28.08 13.49 11.57
N LEU B 8 26.83 13.53 12.03
CA LEU B 8 25.76 14.27 11.36
C LEU B 8 25.60 15.67 11.94
N GLU B 9 26.49 16.05 12.84
CA GLU B 9 26.43 17.37 13.46
C GLU B 9 26.26 18.50 12.43
N GLY B 10 25.33 19.41 12.71
CA GLY B 10 25.12 20.54 11.82
C GLY B 10 24.20 20.32 10.64
N ARG B 11 23.80 19.07 10.33
CA ARG B 11 22.83 18.87 9.24
C ARG B 11 21.43 19.29 9.70
N SER B 12 20.48 19.25 8.75
CA SER B 12 19.15 19.84 8.92
C SER B 12 18.12 18.77 8.61
N ALA B 13 17.14 18.56 9.52
CA ALA B 13 16.13 17.51 9.42
C ALA B 13 14.74 18.10 9.66
N ILE B 14 13.74 17.50 9.00
CA ILE B 14 12.32 17.66 9.34
C ILE B 14 11.84 16.32 9.88
N VAL B 15 11.06 16.35 10.97
CA VAL B 15 10.34 15.14 11.45
C VAL B 15 8.85 15.52 11.49
N THR B 16 8.06 14.96 10.57
CA THR B 16 6.63 15.29 10.60
C THR B 16 5.98 14.52 11.73
N GLY B 17 4.95 15.11 12.32
CA GLY B 17 4.34 14.50 13.48
C GLY B 17 5.34 14.30 14.61
N GLY B 18 6.17 15.28 14.86
CA GLY B 18 7.28 15.11 15.78
C GLY B 18 6.99 15.44 17.23
N SER B 19 5.74 15.80 17.58
CA SER B 19 5.61 16.34 18.94
C SER B 19 5.43 15.24 20.00
N LYS B 20 5.10 14.00 19.59
CA LYS B 20 4.73 12.94 20.53
C LYS B 20 5.18 11.61 19.94
N GLY B 21 5.22 10.58 20.80
CA GLY B 21 5.36 9.21 20.31
C GLY B 21 6.64 8.98 19.56
N ILE B 22 6.53 8.17 18.50
CA ILE B 22 7.74 7.78 17.76
C ILE B 22 8.41 9.00 17.16
N GLY B 23 7.61 9.94 16.65
CA GLY B 23 8.21 11.14 16.04
C GLY B 23 9.05 11.92 17.02
N ARG B 24 8.58 12.03 18.26
CA ARG B 24 9.39 12.78 19.23
C ARG B 24 10.68 12.01 19.56
N GLY B 25 10.61 10.67 19.57
CA GLY B 25 11.83 9.90 19.73
C GLY B 25 12.81 10.08 18.59
N ILE B 26 12.31 10.10 17.35
CA ILE B 26 13.16 10.33 16.19
C ILE B 26 13.82 11.69 16.30
N ALA B 27 13.02 12.71 16.64
CA ALA B 27 13.53 14.07 16.77
C ALA B 27 14.64 14.14 17.81
N GLU B 28 14.40 13.54 18.98
CA GLU B 28 15.39 13.61 20.05
C GLU B 28 16.67 12.88 19.67
N THR B 29 16.55 11.75 18.97
CA THR B 29 17.71 10.99 18.58
C THR B 29 18.57 11.78 17.60
N PHE B 30 17.93 12.41 16.61
CA PHE B 30 18.71 13.26 15.71
C PHE B 30 19.27 14.47 16.42
N ALA B 31 18.49 15.13 17.27
CA ALA B 31 19.01 16.31 17.96
C ALA B 31 20.20 15.96 18.84
N ASN B 32 20.18 14.76 19.47
CA ASN B 32 21.32 14.33 20.29
C ASN B 32 22.57 14.14 19.44
N ALA B 33 22.39 13.81 18.16
CA ALA B 33 23.48 13.67 17.21
C ALA B 33 23.92 15.02 16.67
N GLY B 34 23.38 16.12 17.20
CA GLY B 34 23.81 17.42 16.72
C GLY B 34 23.12 17.88 15.45
N VAL B 35 22.03 17.22 15.03
CA VAL B 35 21.27 17.62 13.85
C VAL B 35 20.21 18.60 14.31
N ASP B 36 20.05 19.73 13.60
CA ASP B 36 18.95 20.64 13.89
C ASP B 36 17.66 20.09 13.30
N VAL B 37 16.58 20.15 14.07
CA VAL B 37 15.34 19.43 13.75
C VAL B 37 14.18 20.39 13.84
N VAL B 38 13.40 20.46 12.76
CA VAL B 38 12.08 21.07 12.76
C VAL B 38 11.05 19.95 12.94
N ILE B 39 10.23 20.01 14.02
CA ILE B 39 9.13 19.02 14.12
C ILE B 39 7.86 19.71 13.66
N THR B 40 6.95 18.95 13.04
CA THR B 40 5.66 19.48 12.67
C THR B 40 4.51 18.82 13.44
N GLY B 41 3.37 19.49 13.45
CA GLY B 41 2.21 18.96 14.10
C GLY B 41 1.09 19.97 13.98
N ARG B 42 -0.11 19.53 14.33
CA ARG B 42 -1.20 20.48 14.25
C ARG B 42 -1.46 21.18 15.56
N ASN B 43 -0.94 20.66 16.67
CA ASN B 43 -1.29 21.17 18.00
C ASN B 43 -0.14 22.03 18.49
N GLN B 44 -0.35 23.34 18.50
CA GLN B 44 0.74 24.26 18.86
C GLN B 44 1.21 24.01 20.28
N ASP B 45 0.28 23.66 21.19
CA ASP B 45 0.66 23.41 22.58
C ASP B 45 1.57 22.20 22.72
N ASP B 46 1.24 21.09 22.04
CA ASP B 46 2.10 19.92 22.08
C ASP B 46 3.47 20.21 21.48
N LEU B 47 3.48 20.94 20.36
CA LEU B 47 4.76 21.33 19.75
C LEU B 47 5.58 22.16 20.73
N ASP B 48 4.97 23.22 21.27
CA ASP B 48 5.66 24.08 22.23
C ASP B 48 6.21 23.28 23.41
N ARG B 49 5.40 22.37 23.94
CA ARG B 49 5.83 21.54 25.08
C ARG B 49 7.07 20.73 24.74
N THR B 50 7.07 20.05 23.57
CA THR B 50 8.19 19.22 23.17
C THR B 50 9.43 20.08 22.86
N VAL B 51 9.23 21.24 22.23
CA VAL B 51 10.38 22.13 22.02
C VAL B 51 11.01 22.50 23.37
N ALA B 52 10.17 22.79 24.38
CA ALA B 52 10.70 23.18 25.70
C ALA B 52 11.38 21.99 26.39
N ASP B 53 10.76 20.80 26.32
CA ASP B 53 11.35 19.59 26.88
C ASP B 53 12.74 19.31 26.31
N LEU B 54 12.94 19.55 25.01
CA LEU B 54 14.19 19.22 24.33
C LEU B 54 15.14 20.42 24.22
N SER B 55 14.87 21.51 24.95
CA SER B 55 15.72 22.69 24.86
C SER B 55 17.20 22.39 25.13
N GLY B 56 17.51 21.31 25.84
CA GLY B 56 18.89 21.03 26.17
C GLY B 56 19.63 20.12 25.21
N THR B 57 19.07 19.82 24.04
CA THR B 57 19.75 18.96 23.07
C THR B 57 20.84 19.75 22.34
N ARG B 58 21.82 19.00 21.82
CA ARG B 58 22.90 19.60 21.08
C ARG B 58 22.41 20.27 19.80
N GLY B 59 21.69 19.51 18.97
CA GLY B 59 21.01 20.10 17.85
C GLY B 59 19.80 20.89 18.33
N LYS B 60 19.44 21.91 17.57
CA LYS B 60 18.33 22.77 17.97
C LYS B 60 16.99 22.22 17.44
N VAL B 61 16.06 21.94 18.36
CA VAL B 61 14.72 21.46 18.00
C VAL B 61 13.77 22.64 18.06
N THR B 62 13.09 22.90 16.95
CA THR B 62 12.08 23.95 16.87
C THR B 62 10.87 23.36 16.14
N ALA B 63 9.77 24.10 16.14
CA ALA B 63 8.49 23.58 15.65
C ALA B 63 7.94 24.43 14.50
N VAL B 64 7.23 23.76 13.57
CA VAL B 64 6.42 24.41 12.57
C VAL B 64 5.02 23.80 12.63
N ARG B 65 4.01 24.62 12.82
CA ARG B 65 2.64 24.13 12.87
CA ARG B 65 2.65 24.13 12.86
C ARG B 65 2.17 23.88 11.44
N ALA B 66 1.73 22.65 11.15
CA ALA B 66 1.47 22.27 9.77
C ALA B 66 0.68 20.97 9.73
N ASP B 67 -0.26 20.90 8.79
CA ASP B 67 -1.07 19.73 8.52
C ASP B 67 -0.44 18.97 7.36
N VAL B 68 0.09 17.77 7.61
CA VAL B 68 0.75 17.01 6.55
C VAL B 68 -0.17 16.69 5.39
N THR B 69 -1.49 16.72 5.57
CA THR B 69 -2.36 16.38 4.44
C THR B 69 -2.48 17.52 3.43
N ASP B 70 -1.87 18.67 3.70
CA ASP B 70 -1.99 19.84 2.86
C ASP B 70 -0.67 20.10 2.18
N PRO B 71 -0.57 19.95 0.85
CA PRO B 71 0.72 20.17 0.18
C PRO B 71 1.29 21.56 0.42
N GLU B 72 0.42 22.57 0.51
CA GLU B 72 0.89 23.92 0.80
C GLU B 72 1.59 24.01 2.14
N ASP B 73 1.07 23.33 3.17
CA ASP B 73 1.78 23.28 4.44
C ASP B 73 3.12 22.55 4.30
N ALA B 74 3.16 21.49 3.48
CA ALA B 74 4.43 20.80 3.24
C ALA B 74 5.46 21.74 2.62
N ARG B 75 5.05 22.51 1.60
CA ARG B 75 6.01 23.44 0.99
C ARG B 75 6.44 24.49 1.99
N ARG B 76 5.49 24.94 2.82
CA ARG B 76 5.81 25.94 3.84
C ARG B 76 6.78 25.38 4.87
N THR B 77 6.55 24.13 5.30
CA THR B 77 7.47 23.50 6.24
C THR B 77 8.89 23.45 5.68
N VAL B 78 9.04 23.06 4.40
CA VAL B 78 10.39 23.00 3.83
C VAL B 78 11.01 24.40 3.75
N ALA B 79 10.24 25.37 3.28
CA ALA B 79 10.79 26.73 3.18
C ALA B 79 11.22 27.25 4.55
N GLU B 80 10.40 27.03 5.57
CA GLU B 80 10.78 27.55 6.88
C GLU B 80 11.98 26.80 7.44
N THR B 81 12.09 25.50 7.14
CA THR B 81 13.27 24.78 7.61
C THR B 81 14.54 25.27 6.90
N VAL B 82 14.51 25.43 5.58
CA VAL B 82 15.67 25.97 4.85
CA VAL B 82 15.73 25.91 4.94
C VAL B 82 16.03 27.34 5.40
N SER B 83 15.02 28.11 5.79
CA SER B 83 15.31 29.43 6.33
C SER B 83 15.99 29.36 7.69
N ARG B 84 15.50 28.49 8.58
CA ARG B 84 16.06 28.40 9.92
C ARG B 84 17.43 27.78 9.89
N HIS B 85 17.58 26.68 9.16
CA HIS B 85 18.82 25.92 9.22
C HIS B 85 19.81 26.24 8.12
N GLY B 86 19.37 26.78 6.99
CA GLY B 86 20.26 27.03 5.87
C GLY B 86 20.16 26.03 4.74
N GLY B 87 19.42 24.94 4.93
CA GLY B 87 19.29 23.90 3.95
C GLY B 87 18.53 22.75 4.58
N LEU B 88 18.46 21.63 3.86
CA LEU B 88 17.69 20.48 4.31
C LEU B 88 18.39 19.21 3.84
N ASP B 89 18.75 18.35 4.79
CA ASP B 89 19.46 17.11 4.53
C ASP B 89 18.62 15.86 4.70
N ILE B 90 17.62 15.88 5.57
CA ILE B 90 16.97 14.66 6.07
C ILE B 90 15.51 14.99 6.23
N VAL B 91 14.65 14.16 5.67
CA VAL B 91 13.21 14.23 5.96
C VAL B 91 12.78 12.91 6.59
N CYS B 92 12.22 12.96 7.79
CA CYS B 92 11.63 11.79 8.45
C CYS B 92 10.13 11.94 8.25
N ALA B 93 9.57 11.22 7.28
CA ALA B 93 8.15 11.25 6.95
C ALA B 93 7.49 10.30 7.93
N ASN B 94 7.14 10.85 9.09
CA ASN B 94 6.75 10.04 10.23
C ASN B 94 5.27 10.13 10.60
N ALA B 95 4.61 11.25 10.32
CA ALA B 95 3.27 11.49 10.84
C ALA B 95 2.35 10.33 10.53
N GLY B 96 1.61 9.90 11.56
CA GLY B 96 0.77 8.74 11.38
C GLY B 96 -0.34 8.76 12.42
N ILE B 97 -1.54 8.38 12.02
CA ILE B 97 -2.66 8.20 12.95
C ILE B 97 -3.15 6.75 12.81
N PHE B 98 -3.81 6.24 13.88
CA PHE B 98 -4.19 4.84 13.84
C PHE B 98 -5.55 4.63 14.52
N PRO B 99 -6.57 5.40 14.12
CA PRO B 99 -7.93 5.11 14.62
C PRO B 99 -8.33 3.73 14.12
N SER B 100 -9.23 3.10 14.86
CA SER B 100 -9.71 1.75 14.61
C SER B 100 -11.13 1.78 14.08
N GLY B 101 -11.43 0.91 13.13
CA GLY B 101 -12.80 0.76 12.66
C GLY B 101 -12.94 -0.55 11.88
N ARG B 102 -13.93 -1.39 12.23
CA ARG B 102 -14.20 -2.58 11.45
C ARG B 102 -14.56 -2.23 10.02
N LEU B 103 -14.28 -3.14 9.09
CA LEU B 103 -14.47 -2.84 7.68
C LEU B 103 -15.86 -2.27 7.40
N GLU B 104 -16.92 -2.85 7.99
CA GLU B 104 -18.28 -2.35 7.77
C GLU B 104 -18.45 -0.91 8.20
N ASP B 105 -17.76 -0.51 9.24
CA ASP B 105 -17.96 0.80 9.85
C ASP B 105 -17.13 1.89 9.19
N LEU B 106 -16.17 1.56 8.32
CA LEU B 106 -15.29 2.62 7.81
C LEU B 106 -16.01 3.46 6.75
N THR B 107 -16.11 4.76 6.96
CA THR B 107 -16.71 5.61 5.93
C THR B 107 -15.63 6.09 4.98
N PRO B 108 -16.04 6.64 3.84
CA PRO B 108 -15.05 7.34 2.98
C PRO B 108 -14.23 8.32 3.76
N ASP B 109 -14.86 9.12 4.65
CA ASP B 109 -14.08 10.08 5.41
C ASP B 109 -13.05 9.39 6.32
N ASP B 110 -13.43 8.29 6.99
CA ASP B 110 -12.47 7.54 7.82
C ASP B 110 -11.26 7.10 7.00
N ILE B 111 -11.53 6.51 5.83
CA ILE B 111 -10.46 5.98 4.98
C ILE B 111 -9.57 7.13 4.50
N GLU B 112 -10.18 8.24 4.05
CA GLU B 112 -9.37 9.34 3.55
C GLU B 112 -8.56 9.99 4.66
N GLN B 113 -9.11 10.09 5.88
CA GLN B 113 -8.33 10.71 6.96
C GLN B 113 -7.04 9.92 7.21
N VAL B 114 -7.13 8.60 7.25
CA VAL B 114 -5.95 7.77 7.53
C VAL B 114 -5.03 7.69 6.31
N LEU B 115 -5.58 7.45 5.12
CA LEU B 115 -4.73 7.48 3.91
CA LEU B 115 -4.75 7.49 3.91
C LEU B 115 -4.09 8.85 3.74
N GLY B 116 -4.83 9.91 4.06
CA GLY B 116 -4.32 11.27 3.88
C GLY B 116 -3.16 11.60 4.80
N VAL B 117 -3.31 11.34 6.10
CA VAL B 117 -2.19 11.59 6.98
C VAL B 117 -1.03 10.64 6.65
N ASN B 118 -1.33 9.34 6.62
CA ASN B 118 -0.25 8.35 6.71
C ASN B 118 0.46 8.12 5.40
N PHE B 119 -0.26 8.20 4.28
CA PHE B 119 0.30 8.01 2.96
C PHE B 119 0.47 9.35 2.23
N LYS B 120 -0.61 10.13 2.01
CA LYS B 120 -0.48 11.35 1.22
C LYS B 120 0.50 12.33 1.89
N GLY B 121 0.47 12.39 3.24
CA GLY B 121 1.37 13.26 3.98
C GLY B 121 2.83 12.86 3.84
N THR B 122 3.09 11.58 3.56
CA THR B 122 4.46 11.15 3.29
C THR B 122 4.86 11.61 1.89
N VAL B 123 3.96 11.40 0.90
CA VAL B 123 4.25 11.83 -0.47
C VAL B 123 4.49 13.34 -0.50
N TYR B 124 3.61 14.12 0.15
CA TYR B 124 3.70 15.58 -0.04
C TYR B 124 4.97 16.15 0.58
N ILE B 125 5.39 15.62 1.75
CA ILE B 125 6.60 16.20 2.33
C ILE B 125 7.84 15.82 1.49
N VAL B 126 7.87 14.60 0.94
CA VAL B 126 8.97 14.24 0.04
C VAL B 126 8.96 15.14 -1.21
N GLN B 127 7.81 15.31 -1.85
CA GLN B 127 7.69 16.20 -3.01
CA GLN B 127 7.70 16.18 -3.01
C GLN B 127 8.21 17.59 -2.71
N ALA B 128 7.77 18.16 -1.59
CA ALA B 128 8.14 19.54 -1.28
C ALA B 128 9.62 19.67 -0.92
N ALA B 129 10.24 18.59 -0.48
CA ALA B 129 11.65 18.61 -0.07
C ALA B 129 12.61 18.25 -1.20
N LEU B 130 12.10 17.85 -2.37
CA LEU B 130 12.97 17.29 -3.40
CA LEU B 130 12.96 17.29 -3.41
C LEU B 130 14.10 18.24 -3.77
N GLN B 131 13.78 19.50 -4.03
CA GLN B 131 14.82 20.43 -4.49
CA GLN B 131 14.81 20.44 -4.49
C GLN B 131 15.91 20.62 -3.44
N ALA B 132 15.52 20.88 -2.18
CA ALA B 132 16.51 21.09 -1.12
C ALA B 132 17.31 19.81 -0.84
N LEU B 133 16.63 18.65 -0.82
CA LEU B 133 17.35 17.41 -0.62
C LEU B 133 18.36 17.18 -1.74
N THR B 134 17.99 17.49 -2.98
CA THR B 134 18.91 17.36 -4.11
C THR B 134 20.14 18.26 -3.90
N ALA B 135 19.93 19.49 -3.47
CA ALA B 135 21.03 20.44 -3.29
C ALA B 135 21.97 20.01 -2.19
N SER B 136 21.48 19.23 -1.22
CA SER B 136 22.35 18.81 -0.14
C SER B 136 23.43 17.82 -0.62
N GLY B 137 23.19 17.12 -1.73
CA GLY B 137 24.15 16.16 -2.26
C GLY B 137 24.19 14.84 -1.52
N HIS B 138 23.43 14.69 -0.43
CA HIS B 138 23.38 13.45 0.32
C HIS B 138 22.01 13.27 0.95
N GLY B 139 20.96 13.55 0.19
CA GLY B 139 19.65 13.64 0.79
C GLY B 139 19.17 12.30 1.33
N ARG B 140 18.40 12.37 2.40
CA ARG B 140 17.92 11.16 3.09
C ARG B 140 16.45 11.33 3.42
N VAL B 141 15.63 10.35 3.02
CA VAL B 141 14.24 10.25 3.45
C VAL B 141 14.08 8.96 4.24
N VAL B 142 13.50 9.07 5.44
CA VAL B 142 13.19 7.91 6.24
C VAL B 142 11.70 7.95 6.53
N VAL B 143 11.02 6.88 6.19
CA VAL B 143 9.56 6.79 6.28
C VAL B 143 9.23 5.95 7.50
N THR B 144 8.30 6.40 8.33
CA THR B 144 7.85 5.55 9.43
C THR B 144 6.65 4.79 8.93
N SER B 145 6.83 3.50 8.64
CA SER B 145 5.74 2.62 8.20
C SER B 145 5.25 1.85 9.44
N SER B 146 4.98 0.55 9.32
CA SER B 146 4.49 -0.30 10.42
C SER B 146 4.64 -1.75 9.94
N ILE B 147 4.78 -2.68 10.89
CA ILE B 147 4.55 -4.06 10.49
C ILE B 147 3.09 -4.28 10.03
N THR B 148 2.14 -3.49 10.55
CA THR B 148 0.71 -3.67 10.22
C THR B 148 0.47 -3.14 8.82
N GLY B 149 0.12 -4.06 7.89
CA GLY B 149 -0.16 -3.67 6.51
C GLY B 149 0.85 -4.39 5.61
N PRO B 150 2.13 -4.01 5.71
CA PRO B 150 3.17 -4.71 4.93
C PRO B 150 3.31 -6.18 5.27
N ILE B 151 3.08 -6.53 6.56
CA ILE B 151 3.36 -7.88 7.02
C ILE B 151 2.10 -8.43 7.69
N THR B 152 1.57 -7.73 8.70
CA THR B 152 0.51 -8.33 9.49
C THR B 152 -0.86 -7.75 9.22
N GLY B 153 -1.86 -8.44 9.76
CA GLY B 153 -3.26 -7.99 9.75
C GLY B 153 -3.67 -7.77 11.19
N TYR B 154 -4.54 -6.76 11.42
CA TYR B 154 -5.04 -6.53 12.78
C TYR B 154 -6.46 -6.00 12.64
N PRO B 155 -7.49 -6.75 13.10
CA PRO B 155 -8.89 -6.32 12.93
C PRO B 155 -9.07 -4.90 13.42
N GLY B 156 -9.75 -4.11 12.59
CA GLY B 156 -10.00 -2.70 12.86
C GLY B 156 -9.01 -1.77 12.17
N TRP B 157 -7.90 -2.31 11.64
CA TRP B 157 -6.84 -1.48 11.07
C TRP B 157 -6.63 -1.76 9.58
N SER B 158 -7.70 -2.15 8.86
CA SER B 158 -7.52 -2.44 7.43
C SER B 158 -7.14 -1.19 6.64
N HIS B 159 -7.71 -0.03 7.00
CA HIS B 159 -7.29 1.23 6.35
C HIS B 159 -5.91 1.68 6.81
N TYR B 160 -5.59 1.49 8.09
CA TYR B 160 -4.25 1.80 8.59
C TYR B 160 -3.21 0.94 7.89
N GLY B 161 -3.46 -0.38 7.84
CA GLY B 161 -2.52 -1.28 7.18
C GLY B 161 -2.37 -0.95 5.70
N ALA B 162 -3.51 -0.64 5.04
CA ALA B 162 -3.41 -0.17 3.64
C ALA B 162 -2.48 1.04 3.52
N SER B 163 -2.61 2.01 4.44
CA SER B 163 -1.82 3.25 4.28
C SER B 163 -0.33 2.99 4.52
N LYS B 164 -0.04 2.06 5.41
CA LYS B 164 1.37 1.76 5.74
C LYS B 164 2.02 0.98 4.60
N ALA B 165 1.28 0.05 3.97
CA ALA B 165 1.79 -0.63 2.78
C ALA B 165 1.89 0.34 1.60
N ALA B 166 0.95 1.30 1.49
CA ALA B 166 1.01 2.28 0.42
C ALA B 166 2.31 3.06 0.47
N GLN B 167 2.75 3.44 1.67
CA GLN B 167 4.02 4.15 1.80
C GLN B 167 5.15 3.36 1.13
N LEU B 168 5.15 2.04 1.32
CA LEU B 168 6.26 1.22 0.81
C LEU B 168 6.15 1.05 -0.69
N GLY B 169 4.92 0.83 -1.22
CA GLY B 169 4.80 0.78 -2.68
C GLY B 169 5.30 2.07 -3.31
N PHE B 170 4.93 3.20 -2.71
CA PHE B 170 5.45 4.50 -3.18
C PHE B 170 6.97 4.53 -3.17
N LEU B 171 7.60 4.14 -2.06
CA LEU B 171 9.05 4.42 -2.01
C LEU B 171 9.83 3.42 -2.87
N ARG B 172 9.25 2.26 -3.22
CA ARG B 172 10.00 1.37 -4.13
C ARG B 172 10.20 1.99 -5.52
N THR B 173 9.24 2.80 -5.99
CA THR B 173 9.46 3.58 -7.20
C THR B 173 10.23 4.86 -6.87
N ALA B 174 9.85 5.56 -5.77
CA ALA B 174 10.51 6.83 -5.48
C ALA B 174 12.02 6.65 -5.40
N ALA B 175 12.46 5.53 -4.82
CA ALA B 175 13.91 5.25 -4.71
C ALA B 175 14.58 5.34 -6.05
N MET B 176 13.93 4.81 -7.10
CA MET B 176 14.52 4.87 -8.43
C MET B 176 14.53 6.29 -8.98
N GLU B 177 13.42 7.01 -8.82
CA GLU B 177 13.38 8.39 -9.30
C GLU B 177 14.37 9.28 -8.55
N LEU B 178 14.61 9.01 -7.26
CA LEU B 178 15.48 9.86 -6.45
C LEU B 178 16.96 9.54 -6.56
N ALA B 179 17.30 8.31 -6.98
CA ALA B 179 18.71 7.94 -7.03
C ALA B 179 19.59 8.86 -7.86
N PRO B 180 19.18 9.34 -9.05
CA PRO B 180 20.05 10.31 -9.77
C PRO B 180 20.28 11.60 -8.99
N LYS B 181 19.41 11.92 -8.03
CA LYS B 181 19.59 13.11 -7.21
C LYS B 181 20.43 12.82 -5.98
N LYS B 182 20.90 11.58 -5.84
CA LYS B 182 21.68 11.12 -4.68
C LYS B 182 20.87 11.16 -3.39
N ILE B 183 19.55 11.05 -3.48
CA ILE B 183 18.67 10.94 -2.31
C ILE B 183 18.30 9.48 -2.14
N THR B 184 18.49 8.93 -0.92
CA THR B 184 17.96 7.60 -0.67
C THR B 184 16.62 7.74 0.08
N ILE B 185 15.82 6.69 -0.02
CA ILE B 185 14.54 6.66 0.68
C ILE B 185 14.31 5.24 1.17
N ASN B 186 14.07 5.13 2.49
CA ASN B 186 13.94 3.83 3.14
C ASN B 186 12.88 3.96 4.23
N ALA B 187 12.39 2.81 4.72
CA ALA B 187 11.38 2.84 5.77
C ALA B 187 11.79 2.02 6.96
N VAL B 188 11.47 2.52 8.15
CA VAL B 188 11.47 1.73 9.38
C VAL B 188 10.06 1.21 9.61
N LEU B 189 9.95 -0.08 9.88
CA LEU B 189 8.64 -0.70 10.18
C LEU B 189 8.61 -1.03 11.65
N PRO B 190 8.10 -0.15 12.50
CA PRO B 190 8.01 -0.47 13.93
C PRO B 190 7.03 -1.57 14.22
N GLY B 191 7.35 -2.38 15.25
CA GLY B 191 6.39 -3.28 15.88
C GLY B 191 5.64 -2.49 16.94
N ASN B 192 5.54 -3.04 18.14
CA ASN B 192 4.84 -2.36 19.23
C ASN B 192 5.83 -1.57 20.06
N ILE B 193 5.66 -0.25 20.08
CA ILE B 193 6.61 0.66 20.70
C ILE B 193 5.92 1.31 21.89
N MET B 194 6.59 1.37 23.03
CA MET B 194 6.05 2.02 24.22
C MET B 194 5.99 3.52 23.93
N THR B 195 4.79 4.09 23.90
CA THR B 195 4.67 5.55 23.76
C THR B 195 3.87 6.05 24.94
N GLU B 196 3.74 7.38 25.04
CA GLU B 196 2.93 7.94 26.14
C GLU B 196 1.54 7.34 26.12
N GLY B 197 0.97 7.16 24.90
CA GLY B 197 -0.38 6.62 24.77
C GLY B 197 -0.50 5.20 25.27
N LEU B 198 0.49 4.35 24.96
CA LEU B 198 0.46 2.98 25.45
C LEU B 198 0.67 2.88 26.96
N ASP B 199 1.33 3.87 27.54
CA ASP B 199 1.53 3.86 28.99
C ASP B 199 0.25 4.08 29.78
N GLU B 200 -0.85 4.43 29.14
CA GLU B 200 -2.12 4.64 29.81
C GLU B 200 -3.03 3.41 29.76
N MET B 201 -2.46 2.24 29.47
CA MET B 201 -3.27 1.04 29.20
C MET B 201 -3.39 0.12 30.40
N GLY B 202 -2.54 0.31 31.40
CA GLY B 202 -2.46 -0.59 32.54
C GLY B 202 -1.39 -1.64 32.32
N GLN B 203 -0.81 -2.08 33.43
CA GLN B 203 0.30 -3.04 33.36
C GLN B 203 -0.15 -4.40 32.85
N ASP B 204 -1.37 -4.86 33.18
CA ASP B 204 -1.81 -6.14 32.66
C ASP B 204 -1.78 -6.13 31.13
N TYR B 205 -2.30 -5.06 30.55
CA TYR B 205 -2.36 -4.99 29.10
C TYR B 205 -0.95 -4.95 28.51
N LEU B 206 -0.06 -4.16 29.13
CA LEU B 206 1.28 -4.07 28.59
C LEU B 206 2.01 -5.38 28.76
N ASP B 207 1.75 -6.07 29.86
CA ASP B 207 2.39 -7.35 30.11
C ASP B 207 1.94 -8.38 29.09
N GLN B 208 0.64 -8.40 28.75
CA GLN B 208 0.15 -9.33 27.74
CA GLN B 208 0.15 -9.33 27.74
C GLN B 208 0.82 -9.07 26.40
N MET B 209 0.94 -7.79 26.03
CA MET B 209 1.57 -7.46 24.76
C MET B 209 3.03 -7.89 24.75
N ALA B 210 3.76 -7.58 25.84
CA ALA B 210 5.19 -7.90 25.87
C ALA B 210 5.42 -9.42 25.84
N SER B 211 4.54 -10.19 26.48
CA SER B 211 4.74 -11.62 26.53
C SER B 211 4.55 -12.28 25.17
N ALA B 212 3.88 -11.62 24.20
CA ALA B 212 3.74 -12.15 22.85
C ALA B 212 4.90 -11.73 21.91
N ILE B 213 5.97 -11.16 22.44
CA ILE B 213 7.09 -10.67 21.63
C ILE B 213 8.34 -11.44 22.09
N PRO B 214 9.15 -12.01 21.17
CA PRO B 214 10.33 -12.79 21.60
C PRO B 214 11.28 -12.00 22.50
N ALA B 215 11.51 -10.71 22.22
CA ALA B 215 12.38 -9.92 23.09
C ALA B 215 11.76 -9.69 24.48
N GLY B 216 10.48 -9.98 24.66
CA GLY B 216 9.86 -9.89 25.99
C GLY B 216 9.59 -8.52 26.50
N ARG B 217 9.59 -7.53 25.62
CA ARG B 217 9.29 -6.15 25.99
C ARG B 217 8.77 -5.43 24.75
N LEU B 218 8.08 -4.32 24.99
CA LEU B 218 7.82 -3.36 23.91
C LEU B 218 9.09 -2.58 23.63
N GLY B 219 9.21 -2.07 22.40
CA GLY B 219 10.39 -1.28 22.08
C GLY B 219 10.20 0.12 22.61
N SER B 220 11.25 0.93 22.43
CA SER B 220 11.26 2.30 22.86
C SER B 220 11.19 3.18 21.60
N VAL B 221 10.82 4.45 21.80
CA VAL B 221 10.87 5.34 20.64
C VAL B 221 12.31 5.56 20.17
N ALA B 222 13.30 5.45 21.08
CA ALA B 222 14.70 5.52 20.62
C ALA B 222 15.06 4.36 19.69
N ASP B 223 14.47 3.16 19.89
CA ASP B 223 14.72 2.08 18.93
C ASP B 223 14.39 2.51 17.48
N ILE B 224 13.29 3.23 17.32
CA ILE B 224 12.93 3.69 15.97
C ILE B 224 13.84 4.84 15.56
N GLY B 225 14.07 5.78 16.47
CA GLY B 225 14.98 6.90 16.20
C GLY B 225 16.35 6.44 15.74
N ASN B 226 16.90 5.38 16.36
CA ASN B 226 18.26 4.94 15.98
C ASN B 226 18.29 4.21 14.66
N ALA B 227 17.21 3.51 14.28
CA ALA B 227 17.18 2.93 12.96
C ALA B 227 17.10 4.04 11.89
N ALA B 228 16.28 5.05 12.14
CA ALA B 228 16.25 6.21 11.23
C ALA B 228 17.62 6.90 11.13
N LEU B 229 18.28 7.06 12.29
CA LEU B 229 19.63 7.64 12.30
C LEU B 229 20.61 6.83 11.44
N PHE B 230 20.58 5.49 11.49
CA PHE B 230 21.42 4.72 10.59
C PHE B 230 21.14 5.02 9.12
N PHE B 231 19.88 4.98 8.72
CA PHE B 231 19.59 5.27 7.31
C PHE B 231 20.13 6.63 6.93
N ALA B 232 20.09 7.59 7.85
CA ALA B 232 20.52 8.93 7.50
C ALA B 232 22.04 9.07 7.38
N THR B 233 22.84 8.08 7.81
CA THR B 233 24.29 8.26 7.73
C THR B 233 24.79 8.27 6.29
N ASP B 234 25.95 8.92 6.09
CA ASP B 234 26.60 8.77 4.81
C ASP B 234 26.94 7.32 4.55
N GLU B 235 27.18 6.55 5.60
CA GLU B 235 27.54 5.14 5.42
C GLU B 235 26.41 4.27 4.91
N ALA B 236 25.16 4.78 4.87
CA ALA B 236 24.02 4.06 4.31
C ALA B 236 23.68 4.55 2.89
N ALA B 237 24.64 5.15 2.19
CA ALA B 237 24.33 5.71 0.87
C ALA B 237 23.96 4.65 -0.16
N TYR B 238 24.37 3.39 0.07
CA TYR B 238 24.04 2.30 -0.86
C TYR B 238 22.78 1.56 -0.43
N VAL B 239 22.01 2.12 0.50
CA VAL B 239 20.74 1.50 0.94
C VAL B 239 19.62 2.35 0.42
N THR B 240 18.75 1.80 -0.44
CA THR B 240 17.62 2.63 -0.85
C THR B 240 16.48 1.71 -1.30
N GLY B 241 15.25 2.23 -1.18
CA GLY B 241 14.06 1.46 -1.52
C GLY B 241 13.79 0.32 -0.56
N GLN B 242 14.36 0.37 0.64
CA GLN B 242 14.34 -0.79 1.52
C GLN B 242 13.66 -0.53 2.86
N THR B 243 13.46 -1.63 3.56
CA THR B 243 12.71 -1.66 4.82
C THR B 243 13.57 -2.27 5.92
N LEU B 244 13.31 -1.85 7.16
CA LEU B 244 13.96 -2.51 8.30
C LEU B 244 12.87 -2.62 9.37
N VAL B 245 12.58 -3.84 9.77
CA VAL B 245 11.56 -4.12 10.80
C VAL B 245 12.23 -4.05 12.17
N VAL B 246 11.66 -3.23 13.08
CA VAL B 246 12.22 -3.00 14.42
C VAL B 246 11.13 -3.40 15.40
N ASP B 247 11.13 -4.66 15.85
CA ASP B 247 9.94 -5.21 16.49
C ASP B 247 10.26 -6.29 17.54
N GLY B 248 11.52 -6.48 17.90
CA GLY B 248 11.83 -7.46 18.94
C GLY B 248 11.50 -8.90 18.57
N GLY B 249 11.33 -9.18 17.27
CA GLY B 249 10.91 -10.53 16.84
C GLY B 249 9.40 -10.70 16.68
N GLN B 250 8.61 -9.63 16.88
CA GLN B 250 7.15 -9.78 16.92
C GLN B 250 6.57 -10.55 15.73
N VAL B 251 7.10 -10.31 14.49
CA VAL B 251 6.50 -10.94 13.32
C VAL B 251 6.92 -12.38 13.15
N LEU B 252 7.88 -12.85 13.93
CA LEU B 252 8.42 -14.21 13.68
C LEU B 252 7.55 -15.40 14.10
N PRO B 253 6.91 -15.41 15.27
CA PRO B 253 6.21 -16.64 15.70
C PRO B 253 4.94 -16.85 14.87
N GLU B 254 4.63 -18.11 14.54
CA GLU B 254 3.33 -18.30 13.84
C GLU B 254 2.16 -18.09 14.78
N SER B 255 2.37 -18.23 16.09
CA SER B 255 1.27 -18.19 17.06
C SER B 255 1.89 -18.12 18.45
N HIS B 256 1.02 -17.91 19.46
CA HIS B 256 1.51 -17.91 20.83
C HIS B 256 2.10 -19.27 21.22
N LEU B 257 1.71 -20.33 20.53
CA LEU B 257 2.25 -21.63 20.86
C LEU B 257 3.75 -21.69 20.61
N ALA B 258 4.20 -21.06 19.53
CA ALA B 258 5.63 -20.99 19.19
C ALA B 258 6.40 -20.24 20.26
N ILE B 259 5.87 -19.10 20.71
CA ILE B 259 6.48 -18.35 21.81
C ILE B 259 6.54 -19.18 23.07
N ALA B 260 5.46 -19.91 23.38
CA ALA B 260 5.40 -20.74 24.57
C ALA B 260 6.36 -21.91 24.54
N GLU B 261 6.84 -22.33 23.36
CA GLU B 261 7.78 -23.44 23.35
C GLU B 261 9.16 -23.05 23.86
N LEU B 262 9.44 -21.76 23.96
CA LEU B 262 10.79 -21.29 24.30
C LEU B 262 11.47 -22.04 25.46
CL CL C . 2.39 -5.16 0.10
CL CL D . 4.43 -3.38 1.11
#